data_1KW8
#
_entry.id   1KW8
#
_cell.length_a   121.720
_cell.length_b   121.720
_cell.length_c   109.008
_cell.angle_alpha   90.00
_cell.angle_beta   90.00
_cell.angle_gamma   90.00
#
_symmetry.space_group_name_H-M   'I 4 2 2'
#
loop_
_entity.id
_entity.type
_entity.pdbx_description
1 polymer '2,3-Dihydroxybiphenyl dioxygenase'
2 non-polymer 'FE (II) ION'
3 non-polymer 'NITRIC OXIDE'
4 non-polymer BIPHENYL-2,3-DIOL
5 water water
#
_entity_poly.entity_id   1
_entity_poly.type   'polypeptide(L)'
_entity_poly.pdbx_seq_one_letter_code
;SIERLGYLGFAVKDVPAWDHFLTKSVGLMAAGSAGDAALYRADQRAWRIAVQPGELDDLAYAGLEVDDAAALERMADKLR
QAGVAFTRGDEALMQQRKVMGLLCLQDPFGLPLEIYYGPAEIFHEPFLPSAPVSGFVTGDQGIGHFVRCVPDTAKAMAFY
TEVLGFVLSDIIDIQMGPETSVPAHFLHCNGRHHTIALAAFPIPKRIHHFMLQANTIDDVGYAFDRLDAAGRITSLLGRH
TNDQTLSFYADTPSPMIEVEFGWGPRTVDSSWTVARHSRTAMWGHKSVRGQR
;
_entity_poly.pdbx_strand_id   B
#
# COMPACT_ATOMS: atom_id res chain seq x y z
N SER A 1 -16.97 -5.86 -5.20
CA SER A 1 -15.62 -5.37 -5.61
C SER A 1 -14.98 -4.41 -4.58
N ILE A 2 -13.72 -4.66 -4.21
CA ILE A 2 -12.93 -3.74 -3.38
C ILE A 2 -12.93 -2.34 -3.98
N GLU A 3 -13.15 -1.34 -3.13
CA GLU A 3 -13.20 0.06 -3.59
C GLU A 3 -11.86 0.77 -3.45
N ARG A 4 -11.09 0.44 -2.43
CA ARG A 4 -9.79 1.07 -2.22
C ARG A 4 -8.99 0.37 -1.11
N LEU A 5 -7.68 0.62 -1.08
CA LEU A 5 -6.81 0.14 -0.01
C LEU A 5 -6.87 1.20 1.10
N GLY A 6 -7.27 0.80 2.31
CA GLY A 6 -7.47 1.73 3.41
C GLY A 6 -6.43 1.74 4.52
N TYR A 7 -5.82 0.59 4.81
CA TYR A 7 -4.84 0.55 5.88
C TYR A 7 -3.83 -0.58 5.70
N LEU A 8 -2.69 -0.42 6.39
CA LEU A 8 -1.62 -1.41 6.40
C LEU A 8 -1.12 -1.59 7.82
N GLY A 9 -0.84 -2.84 8.19
CA GLY A 9 -0.28 -3.17 9.49
C GLY A 9 1.04 -3.89 9.29
N PHE A 10 2.09 -3.43 9.98
CA PHE A 10 3.41 -4.04 9.90
C PHE A 10 3.78 -4.65 11.24
N ALA A 11 4.53 -5.76 11.19
CA ALA A 11 5.07 -6.42 12.38
C ALA A 11 6.59 -6.34 12.21
N VAL A 12 7.25 -5.62 13.11
CA VAL A 12 8.65 -5.30 12.92
C VAL A 12 9.51 -5.51 14.15
N LYS A 13 10.81 -5.66 13.92
CA LYS A 13 11.76 -5.91 15.01
C LYS A 13 12.21 -4.66 15.73
N ASP A 14 12.13 -3.51 15.07
CA ASP A 14 12.55 -2.27 15.69
C ASP A 14 11.45 -1.20 15.62
N VAL A 15 10.56 -1.21 16.60
CA VAL A 15 9.42 -0.30 16.62
C VAL A 15 9.88 1.15 16.73
N PRO A 16 10.81 1.46 17.61
CA PRO A 16 11.32 2.83 17.71
C PRO A 16 11.90 3.34 16.37
N ALA A 17 12.60 2.49 15.64
CA ALA A 17 13.15 2.89 14.35
C ALA A 17 12.00 3.19 13.37
N TRP A 18 11.00 2.33 13.35
CA TRP A 18 9.84 2.56 12.48
C TRP A 18 9.08 3.80 12.88
N ASP A 19 8.99 4.05 14.18
CA ASP A 19 8.28 5.21 14.69
C ASP A 19 8.94 6.50 14.18
N HIS A 20 10.26 6.58 14.32
CA HIS A 20 11.02 7.74 13.87
C HIS A 20 10.91 7.88 12.36
N PHE A 21 11.02 6.76 11.67
CA PHE A 21 10.94 6.71 10.22
C PHE A 21 9.61 7.25 9.67
N LEU A 22 8.50 6.77 10.21
CA LEU A 22 7.18 7.20 9.76
C LEU A 22 6.85 8.64 10.09
N THR A 23 7.34 9.14 11.23
CA THR A 23 7.05 10.50 11.67
C THR A 23 8.08 11.55 11.19
N LYS A 24 9.29 11.49 11.71
CA LYS A 24 10.32 12.47 11.38
C LYS A 24 10.77 12.45 9.93
N SER A 25 10.82 11.26 9.32
CA SER A 25 11.25 11.17 7.93
C SER A 25 10.07 11.25 6.93
N VAL A 26 9.10 10.36 7.04
CA VAL A 26 7.98 10.34 6.10
C VAL A 26 6.98 11.49 6.31
N GLY A 27 6.75 11.86 7.57
CA GLY A 27 5.84 12.96 7.89
C GLY A 27 4.49 12.58 8.49
N LEU A 28 4.25 11.30 8.72
CA LEU A 28 2.97 10.87 9.28
C LEU A 28 2.82 11.40 10.68
N MET A 29 1.57 11.45 11.13
CA MET A 29 1.24 11.94 12.45
C MET A 29 1.10 10.78 13.41
N ALA A 30 1.80 10.85 14.55
CA ALA A 30 1.67 9.83 15.60
C ALA A 30 0.23 9.89 16.13
N ALA A 31 -0.44 8.75 16.26
CA ALA A 31 -1.84 8.73 16.69
C ALA A 31 -2.14 7.77 17.84
N GLY A 32 -1.23 7.69 18.79
CA GLY A 32 -1.43 6.85 19.96
C GLY A 32 -1.20 5.38 19.66
N SER A 33 -1.92 4.54 20.39
CA SER A 33 -1.75 3.11 20.27
C SER A 33 -3.04 2.38 20.53
N ALA A 34 -3.08 1.13 20.08
CA ALA A 34 -4.20 0.23 20.30
C ALA A 34 -3.55 -1.11 20.63
N GLY A 35 -3.51 -1.44 21.92
CA GLY A 35 -2.83 -2.64 22.37
C GLY A 35 -1.34 -2.45 22.20
N ASP A 36 -0.66 -3.41 21.57
CA ASP A 36 0.77 -3.27 21.38
C ASP A 36 1.09 -2.64 20.02
N ALA A 37 0.07 -2.14 19.34
CA ALA A 37 0.29 -1.50 18.05
C ALA A 37 0.32 0.02 18.13
N ALA A 38 1.38 0.61 17.61
CA ALA A 38 1.48 2.06 17.48
C ALA A 38 0.73 2.45 16.20
N LEU A 39 -0.01 3.56 16.27
CA LEU A 39 -0.82 4.04 15.17
C LEU A 39 -0.32 5.34 14.55
N TYR A 40 -0.49 5.44 13.23
CA TYR A 40 -0.03 6.59 12.45
C TYR A 40 -1.10 7.04 11.47
N ARG A 41 -1.26 8.36 11.35
CA ARG A 41 -2.26 8.96 10.48
C ARG A 41 -1.64 9.72 9.30
N ALA A 42 -2.40 9.79 8.21
CA ALA A 42 -2.01 10.55 7.03
C ALA A 42 -3.12 11.52 6.62
N ASP A 43 -4.25 11.46 7.32
CA ASP A 43 -5.40 12.29 6.99
C ASP A 43 -6.44 12.24 8.13
N GLN A 44 -7.71 12.33 7.79
CA GLN A 44 -8.77 12.35 8.80
C GLN A 44 -9.13 11.02 9.42
N ARG A 45 -8.66 9.90 8.86
CA ARG A 45 -8.95 8.59 9.43
C ARG A 45 -8.26 8.48 10.78
N ALA A 46 -8.84 7.74 11.69
CA ALA A 46 -8.25 7.53 13.02
C ALA A 46 -6.86 6.94 12.92
N TRP A 47 -6.64 6.11 11.92
CA TRP A 47 -5.30 5.57 11.65
C TRP A 47 -5.25 5.03 10.22
N ARG A 48 -4.04 4.95 9.67
CA ARG A 48 -3.80 4.44 8.34
C ARG A 48 -2.72 3.34 8.33
N ILE A 49 -1.74 3.49 9.22
CA ILE A 49 -0.66 2.53 9.32
C ILE A 49 -0.47 2.16 10.78
N ALA A 50 -0.36 0.85 11.02
CA ALA A 50 -0.12 0.31 12.35
C ALA A 50 1.22 -0.41 12.36
N VAL A 51 1.96 -0.25 13.46
CA VAL A 51 3.26 -0.92 13.64
C VAL A 51 3.27 -1.64 15.00
N GLN A 52 3.51 -2.94 14.98
CA GLN A 52 3.56 -3.73 16.22
C GLN A 52 4.84 -4.54 16.23
N PRO A 53 5.33 -4.88 17.42
CA PRO A 53 6.56 -5.66 17.52
C PRO A 53 6.36 -7.07 16.97
N GLY A 54 7.35 -7.59 16.26
CA GLY A 54 7.28 -8.92 15.73
C GLY A 54 8.50 -9.29 14.91
N GLU A 55 8.82 -10.58 14.84
CA GLU A 55 9.98 -11.04 14.09
C GLU A 55 9.79 -11.01 12.56
N LEU A 56 8.56 -10.89 12.09
CA LEU A 56 8.32 -10.86 10.65
C LEU A 56 9.10 -9.81 9.89
N ASP A 57 9.16 -8.59 10.43
CA ASP A 57 9.76 -7.46 9.71
C ASP A 57 9.09 -7.40 8.34
N ASP A 58 7.77 -7.38 8.34
CA ASP A 58 7.02 -7.43 7.09
C ASP A 58 5.60 -6.91 7.27
N LEU A 59 4.87 -6.84 6.17
CA LEU A 59 3.46 -6.48 6.23
C LEU A 59 2.71 -7.62 6.87
N ALA A 60 1.98 -7.33 7.95
CA ALA A 60 1.18 -8.31 8.65
C ALA A 60 -0.24 -8.47 8.08
N TYR A 61 -0.80 -7.39 7.56
CA TYR A 61 -2.12 -7.41 6.96
C TYR A 61 -2.39 -6.13 6.18
N ALA A 62 -3.37 -6.20 5.30
CA ALA A 62 -3.79 -5.05 4.53
C ALA A 62 -5.30 -4.96 4.60
N GLY A 63 -5.80 -3.74 4.79
CA GLY A 63 -7.22 -3.49 4.90
C GLY A 63 -7.79 -3.03 3.58
N LEU A 64 -8.76 -3.79 3.07
CA LEU A 64 -9.41 -3.47 1.81
C LEU A 64 -10.82 -2.96 2.06
N GLU A 65 -11.10 -1.76 1.59
CA GLU A 65 -12.34 -1.07 1.95
C GLU A 65 -13.48 -1.17 0.94
N VAL A 66 -14.72 -1.26 1.45
CA VAL A 66 -15.92 -1.19 0.61
C VAL A 66 -16.76 -0.05 1.18
N ASP A 67 -17.79 0.39 0.45
CA ASP A 67 -18.55 1.60 0.83
C ASP A 67 -19.69 1.48 1.83
N ASP A 68 -20.15 0.26 2.12
CA ASP A 68 -21.30 0.06 3.03
C ASP A 68 -21.50 -1.38 3.46
N ALA A 69 -22.45 -1.58 4.36
CA ALA A 69 -22.74 -2.90 4.92
C ALA A 69 -23.15 -3.92 3.83
N ALA A 70 -24.03 -3.51 2.96
CA ALA A 70 -24.48 -4.40 1.89
C ALA A 70 -23.31 -4.84 1.01
N ALA A 71 -22.40 -3.91 0.74
CA ALA A 71 -21.22 -4.23 -0.07
C ALA A 71 -20.37 -5.31 0.58
N LEU A 72 -20.26 -5.26 1.90
CA LEU A 72 -19.49 -6.25 2.65
C LEU A 72 -20.14 -7.63 2.53
N GLU A 73 -21.46 -7.67 2.62
CA GLU A 73 -22.15 -8.96 2.51
C GLU A 73 -21.99 -9.52 1.11
N ARG A 74 -21.94 -8.63 0.12
CA ARG A 74 -21.77 -9.03 -1.27
C ARG A 74 -20.38 -9.61 -1.46
N MET A 75 -19.39 -9.05 -0.76
CA MET A 75 -18.03 -9.59 -0.81
C MET A 75 -18.01 -10.97 -0.14
N ALA A 76 -18.74 -11.13 0.96
CA ALA A 76 -18.81 -12.43 1.63
C ALA A 76 -19.40 -13.45 0.66
N ASP A 77 -20.40 -13.03 -0.10
CA ASP A 77 -21.04 -13.89 -1.09
C ASP A 77 -20.03 -14.29 -2.18
N LYS A 78 -19.22 -13.33 -2.64
CA LYS A 78 -18.21 -13.64 -3.65
C LYS A 78 -17.16 -14.63 -3.12
N LEU A 79 -16.74 -14.46 -1.87
CA LEU A 79 -15.75 -15.34 -1.28
C LEU A 79 -16.31 -16.77 -1.19
N ARG A 80 -17.55 -16.88 -0.73
CA ARG A 80 -18.21 -18.18 -0.65
C ARG A 80 -18.26 -18.83 -2.02
N GLN A 81 -18.72 -18.09 -3.03
CA GLN A 81 -18.85 -18.63 -4.39
C GLN A 81 -17.51 -19.10 -4.94
N ALA A 82 -16.44 -18.41 -4.55
CA ALA A 82 -15.10 -18.72 -5.05
C ALA A 82 -14.40 -19.80 -4.22
N GLY A 83 -15.01 -20.21 -3.11
CA GLY A 83 -14.41 -21.20 -2.23
C GLY A 83 -13.28 -20.69 -1.37
N VAL A 84 -13.23 -19.39 -1.16
CA VAL A 84 -12.18 -18.78 -0.37
C VAL A 84 -12.63 -18.72 1.07
N ALA A 85 -11.83 -19.28 1.97
CA ALA A 85 -12.14 -19.28 3.40
C ALA A 85 -12.02 -17.90 4.03
N PHE A 86 -12.92 -17.59 4.95
CA PHE A 86 -12.89 -16.32 5.64
C PHE A 86 -13.63 -16.44 6.96
N THR A 87 -13.34 -15.51 7.87
CA THR A 87 -13.98 -15.43 9.17
C THR A 87 -14.43 -13.99 9.42
N ARG A 88 -15.64 -13.81 9.95
CA ARG A 88 -16.13 -12.48 10.30
C ARG A 88 -15.40 -12.02 11.56
N GLY A 89 -14.89 -10.79 11.54
CA GLY A 89 -14.19 -10.27 12.70
C GLY A 89 -15.18 -10.10 13.83
N ASP A 90 -14.76 -10.45 15.04
CA ASP A 90 -15.60 -10.31 16.21
C ASP A 90 -15.54 -8.86 16.71
N GLU A 91 -16.32 -8.58 17.75
CA GLU A 91 -16.42 -7.24 18.32
C GLU A 91 -15.06 -6.69 18.75
N ALA A 92 -14.24 -7.54 19.34
CA ALA A 92 -12.92 -7.12 19.81
C ALA A 92 -12.08 -6.64 18.63
N LEU A 93 -12.13 -7.37 17.53
CA LEU A 93 -11.34 -6.97 16.37
C LEU A 93 -11.90 -5.70 15.72
N MET A 94 -13.22 -5.62 15.62
CA MET A 94 -13.87 -4.45 15.06
C MET A 94 -13.45 -3.22 15.86
N GLN A 95 -13.45 -3.35 17.19
CA GLN A 95 -13.09 -2.25 18.08
C GLN A 95 -11.61 -1.90 17.93
N GLN A 96 -10.78 -2.92 17.78
CA GLN A 96 -9.35 -2.72 17.58
C GLN A 96 -9.05 -1.97 16.26
N ARG A 97 -9.72 -2.36 15.19
CA ARG A 97 -9.49 -1.72 13.88
C ARG A 97 -10.26 -0.43 13.66
N LYS A 98 -11.25 -0.20 14.52
CA LYS A 98 -12.15 0.95 14.43
C LYS A 98 -12.98 0.89 13.14
N VAL A 99 -13.66 -0.23 12.93
CA VAL A 99 -14.49 -0.40 11.74
C VAL A 99 -15.84 -1.00 12.14
N MET A 100 -16.85 -0.85 11.28
CA MET A 100 -18.21 -1.33 11.59
C MET A 100 -18.39 -2.82 11.27
N GLY A 101 -17.47 -3.39 10.51
CA GLY A 101 -17.55 -4.79 10.17
C GLY A 101 -16.38 -5.18 9.29
N LEU A 102 -15.94 -6.42 9.42
CA LEU A 102 -14.85 -6.91 8.59
C LEU A 102 -14.84 -8.44 8.38
N LEU A 103 -14.24 -8.82 7.26
CA LEU A 103 -14.05 -10.23 6.91
C LEU A 103 -12.55 -10.45 6.85
N CYS A 104 -12.09 -11.50 7.54
CA CYS A 104 -10.70 -11.87 7.57
C CYS A 104 -10.44 -13.07 6.68
N LEU A 105 -9.48 -12.93 5.77
CA LEU A 105 -9.08 -13.98 4.85
C LEU A 105 -7.59 -13.84 4.51
N GLN A 106 -7.11 -14.68 3.61
CA GLN A 106 -5.73 -14.57 3.13
C GLN A 106 -5.70 -14.66 1.62
N ASP A 107 -4.70 -14.06 0.97
CA ASP A 107 -4.60 -14.23 -0.46
C ASP A 107 -3.99 -15.62 -0.67
N PRO A 108 -3.91 -16.09 -1.91
CA PRO A 108 -3.42 -17.45 -2.17
C PRO A 108 -2.05 -17.79 -1.63
N PHE A 109 -1.28 -16.78 -1.24
CA PHE A 109 0.07 -17.02 -0.75
C PHE A 109 0.30 -16.57 0.70
N GLY A 110 -0.76 -16.49 1.48
CA GLY A 110 -0.62 -16.27 2.91
C GLY A 110 -0.65 -14.86 3.43
N LEU A 111 -0.89 -13.85 2.58
CA LEU A 111 -0.96 -12.49 3.13
C LEU A 111 -2.34 -12.28 3.71
N PRO A 112 -2.46 -12.00 5.01
CA PRO A 112 -3.79 -11.71 5.57
C PRO A 112 -4.38 -10.43 4.98
N LEU A 113 -5.65 -10.54 4.58
CA LEU A 113 -6.41 -9.41 4.07
C LEU A 113 -7.66 -9.24 4.93
N GLU A 114 -8.07 -8.00 5.13
CA GLU A 114 -9.25 -7.70 5.90
C GLU A 114 -10.12 -6.79 5.03
N ILE A 115 -11.31 -7.28 4.67
CA ILE A 115 -12.28 -6.47 3.91
C ILE A 115 -13.19 -5.84 4.94
N TYR A 116 -13.32 -4.51 4.92
CA TYR A 116 -14.09 -3.81 5.95
C TYR A 116 -14.95 -2.68 5.41
N TYR A 117 -15.80 -2.13 6.26
CA TYR A 117 -16.55 -0.93 5.93
C TYR A 117 -16.76 -0.15 7.22
N GLY A 118 -17.10 1.13 7.07
CA GLY A 118 -17.38 1.99 8.20
C GLY A 118 -16.22 2.35 9.09
N PRO A 119 -15.15 2.89 8.50
CA PRO A 119 -13.97 3.25 9.30
C PRO A 119 -14.20 4.51 10.13
N ALA A 120 -13.51 4.62 11.25
CA ALA A 120 -13.60 5.80 12.11
C ALA A 120 -12.80 6.98 11.57
N GLU A 121 -13.42 8.15 11.61
CA GLU A 121 -12.75 9.38 11.24
C GLU A 121 -12.72 10.31 12.45
N ILE A 122 -11.72 11.17 12.55
CA ILE A 122 -11.62 12.08 13.69
C ILE A 122 -11.31 13.51 13.28
N PHE A 123 -12.28 14.14 12.64
CA PHE A 123 -12.13 15.50 12.16
C PHE A 123 -11.92 16.51 13.29
N HIS A 124 -12.26 16.14 14.52
CA HIS A 124 -12.07 17.05 15.65
C HIS A 124 -10.61 17.08 16.10
N GLU A 125 -9.81 16.17 15.54
CA GLU A 125 -8.36 16.14 15.79
C GLU A 125 -7.65 16.19 14.42
N PRO A 126 -7.69 17.38 13.81
CA PRO A 126 -7.19 17.54 12.45
C PRO A 126 -5.76 17.05 12.27
N PHE A 127 -5.50 16.44 11.13
CA PHE A 127 -4.17 15.90 10.80
C PHE A 127 -3.08 16.97 10.90
N LEU A 128 -1.99 16.63 11.54
CA LEU A 128 -0.84 17.52 11.67
C LEU A 128 0.38 16.67 11.40
N PRO A 129 1.08 16.88 10.30
CA PRO A 129 2.25 16.05 10.00
C PRO A 129 3.40 16.26 10.98
N SER A 130 4.23 15.25 11.15
CA SER A 130 5.40 15.28 12.03
C SER A 130 6.63 15.84 11.32
N ALA A 131 6.53 16.02 10.01
CA ALA A 131 7.60 16.58 9.21
C ALA A 131 6.93 17.44 8.12
N PRO A 132 7.68 18.35 7.49
CA PRO A 132 7.07 19.22 6.47
C PRO A 132 6.53 18.51 5.22
N VAL A 133 5.21 18.35 5.19
CA VAL A 133 4.50 17.76 4.06
C VAL A 133 3.15 18.46 4.01
N SER A 134 2.80 19.05 2.88
CA SER A 134 1.55 19.78 2.77
C SER A 134 0.33 18.89 2.97
N GLY A 135 0.48 17.59 2.71
CA GLY A 135 -0.59 16.63 2.84
C GLY A 135 -0.41 15.45 1.89
N PHE A 136 -1.23 14.42 2.09
CA PHE A 136 -1.21 13.22 1.28
C PHE A 136 -2.46 13.11 0.44
N VAL A 137 -2.33 12.47 -0.72
CA VAL A 137 -3.46 12.24 -1.58
C VAL A 137 -4.06 10.89 -1.20
N THR A 138 -5.25 10.93 -0.60
CA THR A 138 -5.93 9.71 -0.19
C THR A 138 -7.35 9.72 -0.72
N GLY A 139 -8.32 10.01 0.15
CA GLY A 139 -9.72 10.08 -0.26
C GLY A 139 -10.20 8.83 -0.98
N ASP A 140 -10.94 9.02 -2.06
CA ASP A 140 -11.47 7.87 -2.80
C ASP A 140 -10.39 6.93 -3.34
N GLN A 141 -9.17 7.44 -3.48
CA GLN A 141 -8.07 6.62 -3.97
C GLN A 141 -7.39 5.80 -2.89
N GLY A 142 -7.81 5.94 -1.64
CA GLY A 142 -7.21 5.15 -0.58
C GLY A 142 -5.81 5.65 -0.18
N ILE A 143 -5.17 4.90 0.71
CA ILE A 143 -3.90 5.33 1.33
C ILE A 143 -2.70 5.38 0.39
N GLY A 144 -2.68 4.54 -0.65
CA GLY A 144 -1.54 4.45 -1.53
C GLY A 144 -1.52 3.11 -2.25
N HIS A 145 -0.33 2.56 -2.45
CA HIS A 145 -0.23 1.25 -3.07
C HIS A 145 0.87 0.42 -2.48
N PHE A 146 0.90 -0.85 -2.85
CA PHE A 146 2.01 -1.71 -2.50
C PHE A 146 2.24 -2.76 -3.58
N VAL A 147 3.47 -3.27 -3.64
CA VAL A 147 3.82 -4.33 -4.56
C VAL A 147 3.80 -5.63 -3.79
N ARG A 148 2.90 -6.52 -4.18
CA ARG A 148 2.75 -7.84 -3.58
C ARG A 148 3.64 -8.85 -4.31
N CYS A 149 4.58 -9.42 -3.57
CA CYS A 149 5.46 -10.44 -4.14
C CYS A 149 4.66 -11.73 -4.18
N VAL A 150 4.76 -12.45 -5.29
CA VAL A 150 4.06 -13.71 -5.45
C VAL A 150 4.91 -14.70 -6.24
N PRO A 151 4.78 -15.98 -5.96
CA PRO A 151 5.51 -17.02 -6.70
C PRO A 151 4.83 -17.46 -8.01
N ASP A 152 3.58 -17.07 -8.20
CA ASP A 152 2.80 -17.46 -9.36
C ASP A 152 1.89 -16.27 -9.74
N THR A 153 2.33 -15.46 -10.67
CA THR A 153 1.58 -14.28 -11.06
C THR A 153 0.19 -14.61 -11.63
N ALA A 154 0.12 -15.65 -12.44
CA ALA A 154 -1.14 -16.06 -13.03
C ALA A 154 -2.19 -16.38 -11.95
N LYS A 155 -1.77 -17.18 -10.98
CA LYS A 155 -2.65 -17.55 -9.88
C LYS A 155 -3.06 -16.29 -9.10
N ALA A 156 -2.10 -15.40 -8.87
CA ALA A 156 -2.36 -14.20 -8.09
C ALA A 156 -3.37 -13.31 -8.83
N MET A 157 -3.19 -13.19 -10.13
CA MET A 157 -4.07 -12.40 -10.98
C MET A 157 -5.51 -12.89 -10.94
N ALA A 158 -5.69 -14.20 -10.96
CA ALA A 158 -7.03 -14.78 -10.95
C ALA A 158 -7.78 -14.41 -9.67
N PHE A 159 -7.09 -14.47 -8.53
CA PHE A 159 -7.66 -14.12 -7.24
C PHE A 159 -7.99 -12.62 -7.13
N TYR A 160 -7.00 -11.77 -7.39
CA TYR A 160 -7.19 -10.33 -7.24
C TYR A 160 -8.22 -9.76 -8.22
N THR A 161 -8.26 -10.28 -9.45
CA THR A 161 -9.22 -9.76 -10.43
C THR A 161 -10.57 -10.46 -10.33
N GLU A 162 -10.58 -11.80 -10.39
CA GLU A 162 -11.84 -12.56 -10.40
C GLU A 162 -12.56 -12.57 -9.06
N VAL A 163 -11.82 -12.61 -7.96
CA VAL A 163 -12.45 -12.63 -6.65
C VAL A 163 -12.64 -11.21 -6.07
N LEU A 164 -11.57 -10.43 -5.98
CA LEU A 164 -11.63 -9.12 -5.34
C LEU A 164 -12.06 -7.97 -6.24
N GLY A 165 -12.05 -8.19 -7.54
CA GLY A 165 -12.55 -7.18 -8.45
C GLY A 165 -11.52 -6.13 -8.90
N PHE A 166 -10.24 -6.37 -8.66
CA PHE A 166 -9.23 -5.45 -9.18
C PHE A 166 -9.19 -5.63 -10.71
N VAL A 167 -8.62 -4.65 -11.40
CA VAL A 167 -8.53 -4.63 -12.86
C VAL A 167 -7.12 -4.28 -13.29
N LEU A 168 -6.62 -4.99 -14.29
CA LEU A 168 -5.29 -4.75 -14.83
C LEU A 168 -5.18 -3.39 -15.52
N SER A 169 -4.18 -2.61 -15.14
CA SER A 169 -3.91 -1.34 -15.79
C SER A 169 -2.89 -1.60 -16.90
N ASP A 170 -1.77 -2.21 -16.54
CA ASP A 170 -0.72 -2.48 -17.48
C ASP A 170 0.35 -3.38 -16.91
N ILE A 171 1.33 -3.69 -17.75
CA ILE A 171 2.40 -4.59 -17.39
C ILE A 171 3.72 -3.92 -17.74
N ILE A 172 4.69 -4.07 -16.84
CA ILE A 172 6.06 -3.64 -17.11
C ILE A 172 6.97 -4.86 -16.93
N ASP A 173 7.81 -5.11 -17.93
CA ASP A 173 8.82 -6.15 -17.81
C ASP A 173 10.01 -5.53 -17.11
N ILE A 174 10.15 -5.84 -15.83
CA ILE A 174 11.21 -5.29 -15.01
C ILE A 174 12.46 -6.15 -15.17
N GLN A 175 13.50 -5.56 -15.72
CA GLN A 175 14.74 -6.29 -15.98
C GLN A 175 15.41 -6.71 -14.67
N MET A 176 15.72 -7.99 -14.55
CA MET A 176 16.40 -8.54 -13.37
C MET A 176 17.86 -8.86 -13.69
N GLY A 177 18.11 -9.31 -14.92
CA GLY A 177 19.45 -9.65 -15.35
C GLY A 177 19.63 -9.34 -16.82
N PRO A 178 20.71 -9.85 -17.43
CA PRO A 178 21.00 -9.56 -18.84
C PRO A 178 19.96 -10.15 -19.76
N GLU A 179 19.42 -11.30 -19.38
CA GLU A 179 18.42 -11.95 -20.20
C GLU A 179 17.24 -12.44 -19.35
N THR A 180 16.96 -11.78 -18.22
CA THR A 180 15.85 -12.16 -17.37
C THR A 180 15.03 -10.93 -16.94
N SER A 181 13.71 -11.02 -17.09
CA SER A 181 12.81 -9.94 -16.71
C SER A 181 11.62 -10.53 -15.96
N VAL A 182 11.00 -9.71 -15.12
CA VAL A 182 9.82 -10.10 -14.36
C VAL A 182 8.63 -9.24 -14.84
N PRO A 183 7.57 -9.89 -15.30
CA PRO A 183 6.38 -9.16 -15.77
C PRO A 183 5.53 -8.69 -14.59
N ALA A 184 5.71 -7.44 -14.15
CA ALA A 184 4.93 -6.89 -13.05
C ALA A 184 3.57 -6.44 -13.54
N HIS A 185 2.50 -6.86 -12.86
CA HIS A 185 1.15 -6.51 -13.28
C HIS A 185 0.60 -5.45 -12.34
N PHE A 186 0.25 -4.28 -12.88
CA PHE A 186 -0.27 -3.19 -12.04
C PHE A 186 -1.80 -3.15 -12.09
N LEU A 187 -2.43 -3.22 -10.91
CA LEU A 187 -3.89 -3.33 -10.79
C LEU A 187 -4.55 -2.15 -10.10
N HIS A 188 -5.70 -1.75 -10.64
CA HIS A 188 -6.49 -0.66 -10.03
C HIS A 188 -7.84 -1.14 -9.53
N CYS A 189 -8.44 -0.38 -8.61
CA CYS A 189 -9.78 -0.66 -8.14
C CYS A 189 -10.54 0.66 -7.96
N ASN A 190 -9.93 1.73 -8.47
CA ASN A 190 -10.47 3.08 -8.43
C ASN A 190 -9.61 3.93 -9.36
N GLY A 191 -9.66 5.26 -9.22
CA GLY A 191 -8.89 6.16 -10.05
C GLY A 191 -7.36 6.07 -9.93
N ARG A 192 -6.87 5.58 -8.78
CA ARG A 192 -5.44 5.42 -8.58
C ARG A 192 -4.90 4.41 -9.59
N HIS A 193 -3.95 4.84 -10.42
CA HIS A 193 -3.42 3.98 -11.49
C HIS A 193 -3.17 2.54 -10.99
N HIS A 194 -2.51 2.42 -9.85
CA HIS A 194 -2.43 1.11 -9.22
C HIS A 194 -2.47 1.21 -7.72
N THR A 195 -3.18 0.25 -7.11
CA THR A 195 -3.28 0.10 -5.68
C THR A 195 -2.47 -1.14 -5.24
N ILE A 196 -2.44 -2.14 -6.11
CA ILE A 196 -1.63 -3.32 -5.87
C ILE A 196 -0.95 -3.73 -7.19
N ALA A 197 0.35 -4.00 -7.13
CA ALA A 197 1.08 -4.54 -8.26
C ALA A 197 1.53 -5.94 -7.86
N LEU A 198 1.44 -6.87 -8.79
CA LEU A 198 1.85 -8.25 -8.57
C LEU A 198 3.14 -8.56 -9.32
N ALA A 199 4.12 -9.14 -8.64
CA ALA A 199 5.42 -9.43 -9.27
C ALA A 199 6.11 -10.63 -8.65
N ALA A 200 6.68 -11.48 -9.50
CA ALA A 200 7.42 -12.64 -9.05
C ALA A 200 8.89 -12.30 -8.79
N PHE A 201 9.15 -11.48 -7.78
CA PHE A 201 10.49 -11.07 -7.42
C PHE A 201 11.13 -12.10 -6.51
N PRO A 202 12.44 -12.29 -6.59
CA PRO A 202 13.15 -13.20 -5.69
C PRO A 202 13.59 -12.59 -4.36
N ILE A 203 12.69 -11.95 -3.63
CA ILE A 203 13.02 -11.41 -2.33
C ILE A 203 12.17 -12.19 -1.36
N PRO A 204 12.66 -12.29 -0.13
CA PRO A 204 11.96 -13.01 0.94
C PRO A 204 10.99 -12.16 1.77
N LYS A 205 10.24 -11.29 1.11
CA LYS A 205 9.28 -10.43 1.77
C LYS A 205 7.93 -10.53 1.08
N ARG A 206 6.86 -10.33 1.84
CA ARG A 206 5.51 -10.38 1.30
C ARG A 206 5.30 -9.25 0.27
N ILE A 207 5.94 -8.13 0.54
CA ILE A 207 5.87 -6.95 -0.31
C ILE A 207 7.27 -6.39 -0.57
N HIS A 208 7.39 -5.72 -1.72
CA HIS A 208 8.64 -5.08 -2.13
C HIS A 208 8.71 -3.65 -1.58
N HIS A 209 7.56 -2.98 -1.57
CA HIS A 209 7.45 -1.65 -1.00
C HIS A 209 5.99 -1.24 -0.85
N PHE A 210 5.77 -0.20 -0.06
CA PHE A 210 4.46 0.47 -0.01
C PHE A 210 4.75 1.90 -0.48
N MET A 211 3.73 2.57 -0.99
CA MET A 211 3.86 3.92 -1.52
C MET A 211 2.83 4.90 -0.97
N LEU A 212 3.29 6.11 -0.70
CA LEU A 212 2.44 7.23 -0.26
C LEU A 212 2.61 8.36 -1.29
N GLN A 213 1.52 9.05 -1.58
CA GLN A 213 1.51 10.11 -2.57
C GLN A 213 1.26 11.42 -1.86
N ALA A 214 2.13 12.40 -2.07
CA ALA A 214 2.00 13.72 -1.46
C ALA A 214 1.36 14.71 -2.44
N ASN A 215 0.89 15.84 -1.91
CA ASN A 215 0.19 16.86 -2.70
C ASN A 215 1.08 17.64 -3.69
N THR A 216 2.34 17.89 -3.34
CA THR A 216 3.22 18.70 -4.18
C THR A 216 4.57 18.09 -4.52
N ILE A 217 5.20 18.64 -5.55
CA ILE A 217 6.50 18.15 -5.93
C ILE A 217 7.50 18.51 -4.85
N ASP A 218 7.32 19.66 -4.21
CA ASP A 218 8.22 20.06 -3.12
C ASP A 218 8.13 19.09 -1.96
N ASP A 219 6.93 18.58 -1.71
CA ASP A 219 6.77 17.58 -0.67
C ASP A 219 7.74 16.43 -0.90
N VAL A 220 7.81 15.98 -2.15
CA VAL A 220 8.68 14.88 -2.52
C VAL A 220 10.15 15.29 -2.41
N GLY A 221 10.49 16.49 -2.87
CA GLY A 221 11.85 16.97 -2.82
C GLY A 221 12.40 17.04 -1.40
N TYR A 222 11.60 17.64 -0.51
CA TYR A 222 11.98 17.79 0.87
C TYR A 222 12.10 16.41 1.54
N ALA A 223 11.17 15.51 1.26
CA ALA A 223 11.20 14.16 1.85
C ALA A 223 12.48 13.43 1.41
N PHE A 224 12.91 13.65 0.19
CA PHE A 224 14.13 13.03 -0.29
C PHE A 224 15.29 13.41 0.61
N ASP A 225 15.44 14.70 0.88
CA ASP A 225 16.53 15.19 1.69
C ASP A 225 16.45 14.64 3.12
N ARG A 226 15.24 14.52 3.67
CA ARG A 226 15.10 13.96 5.02
C ARG A 226 15.55 12.51 5.02
N LEU A 227 15.10 11.71 4.06
CA LEU A 227 15.50 10.31 4.02
C LEU A 227 16.99 10.15 3.69
N ASP A 228 17.54 11.10 2.95
CA ASP A 228 18.97 11.04 2.62
C ASP A 228 19.80 11.32 3.89
N ALA A 229 19.32 12.27 4.70
CA ALA A 229 19.99 12.59 5.95
C ALA A 229 19.99 11.36 6.86
N ALA A 230 18.96 10.52 6.74
CA ALA A 230 18.88 9.30 7.54
C ALA A 230 19.65 8.15 6.92
N GLY A 231 20.22 8.37 5.75
CA GLY A 231 21.00 7.36 5.03
C GLY A 231 20.16 6.23 4.44
N ARG A 232 18.91 6.52 4.07
CA ARG A 232 17.98 5.49 3.59
C ARG A 232 17.65 5.48 2.09
N ILE A 233 18.15 6.46 1.34
CA ILE A 233 17.81 6.53 -0.08
C ILE A 233 18.27 5.30 -0.88
N THR A 234 17.36 4.76 -1.69
CA THR A 234 17.69 3.64 -2.57
C THR A 234 17.59 3.98 -4.05
N SER A 235 16.92 5.10 -4.38
CA SER A 235 16.86 5.56 -5.75
C SER A 235 16.82 7.07 -5.84
N LEU A 236 17.34 7.59 -6.92
CA LEU A 236 17.23 9.00 -7.18
C LEU A 236 15.81 9.28 -7.62
N LEU A 237 15.47 10.56 -7.71
CA LEU A 237 14.17 10.96 -8.20
C LEU A 237 13.98 10.43 -9.62
N GLY A 238 12.74 10.14 -9.96
CA GLY A 238 12.44 9.62 -11.28
C GLY A 238 10.94 9.66 -11.51
N ARG A 239 10.52 9.32 -12.71
CA ARG A 239 9.11 9.32 -13.05
C ARG A 239 8.77 8.02 -13.78
N HIS A 240 7.71 7.36 -13.33
CA HIS A 240 7.35 6.06 -13.89
C HIS A 240 6.73 6.12 -15.29
N THR A 241 6.98 5.09 -16.07
CA THR A 241 6.45 4.98 -17.43
C THR A 241 4.94 4.80 -17.48
N ASN A 242 4.40 4.04 -16.53
CA ASN A 242 2.98 3.67 -16.57
C ASN A 242 2.05 4.66 -15.88
N ASP A 243 2.34 5.05 -14.64
CA ASP A 243 1.44 6.00 -13.97
C ASP A 243 1.93 7.44 -13.94
N GLN A 244 3.16 7.67 -14.38
CA GLN A 244 3.75 9.01 -14.41
C GLN A 244 3.91 9.61 -13.03
N THR A 245 3.92 8.76 -12.01
CA THR A 245 4.24 9.23 -10.67
C THR A 245 5.69 9.64 -10.62
N LEU A 246 5.95 10.81 -10.06
CA LEU A 246 7.32 11.28 -9.85
C LEU A 246 7.66 10.93 -8.41
N SER A 247 8.65 10.09 -8.21
CA SER A 247 9.00 9.63 -6.87
C SER A 247 10.45 9.25 -6.67
N PHE A 248 10.76 8.81 -5.45
CA PHE A 248 12.04 8.22 -5.09
C PHE A 248 11.71 7.07 -4.13
N TYR A 249 12.68 6.19 -3.91
CA TYR A 249 12.53 5.05 -3.02
C TYR A 249 13.53 5.15 -1.89
N ALA A 250 13.19 4.57 -0.74
CA ALA A 250 14.07 4.53 0.43
C ALA A 250 13.82 3.25 1.22
N ASP A 251 14.82 2.79 1.97
CA ASP A 251 14.66 1.62 2.83
C ASP A 251 13.85 1.96 4.06
N THR A 252 12.96 1.06 4.46
CA THR A 252 12.32 1.16 5.76
C THR A 252 13.31 0.47 6.70
N PRO A 253 13.06 0.49 8.01
CA PRO A 253 13.92 -0.25 8.95
C PRO A 253 13.83 -1.78 8.80
N SER A 254 12.83 -2.28 8.07
CA SER A 254 12.74 -3.72 7.83
C SER A 254 13.50 -4.06 6.55
N PRO A 255 14.51 -4.92 6.66
CA PRO A 255 15.33 -5.28 5.50
C PRO A 255 14.54 -5.72 4.29
N MET A 256 14.92 -5.16 3.14
CA MET A 256 14.35 -5.48 1.84
C MET A 256 12.93 -4.94 1.59
N ILE A 257 12.39 -4.17 2.51
CA ILE A 257 11.13 -3.50 2.28
C ILE A 257 11.45 -2.02 2.17
N GLU A 258 11.00 -1.43 1.07
CA GLU A 258 11.19 -0.03 0.80
C GLU A 258 9.89 0.75 0.91
N VAL A 259 10.03 2.07 0.89
CA VAL A 259 8.91 2.99 0.80
C VAL A 259 9.14 3.80 -0.47
N GLU A 260 8.04 4.09 -1.17
CA GLU A 260 8.08 4.96 -2.32
C GLU A 260 7.28 6.21 -1.92
N PHE A 261 7.82 7.39 -2.21
CA PHE A 261 7.20 8.66 -1.83
C PHE A 261 7.12 9.45 -3.13
N GLY A 262 5.89 9.74 -3.59
CA GLY A 262 5.72 10.35 -4.89
C GLY A 262 4.62 11.38 -5.05
N TRP A 263 4.53 11.91 -6.26
CA TRP A 263 3.60 12.97 -6.62
C TRP A 263 3.21 12.93 -8.09
N GLY A 264 2.05 13.50 -8.37
CA GLY A 264 1.57 13.80 -9.73
C GLY A 264 1.35 12.74 -10.79
N PRO A 265 0.83 11.57 -10.45
CA PRO A 265 0.57 10.56 -11.47
C PRO A 265 -0.68 10.86 -12.28
N ARG A 266 -0.86 10.09 -13.35
CA ARG A 266 -2.11 10.19 -14.08
C ARG A 266 -3.08 9.23 -13.39
N THR A 267 -4.37 9.49 -13.54
CA THR A 267 -5.39 8.63 -12.95
C THR A 267 -6.11 7.87 -14.07
N VAL A 268 -6.84 6.83 -13.68
CA VAL A 268 -7.52 5.99 -14.64
C VAL A 268 -9.02 6.11 -14.54
N ASP A 269 -9.67 5.81 -15.65
CA ASP A 269 -11.13 5.79 -15.69
C ASP A 269 -11.57 4.64 -16.60
N SER A 270 -12.87 4.59 -16.89
CA SER A 270 -13.49 3.52 -17.70
C SER A 270 -12.87 3.36 -19.09
N SER A 271 -12.29 4.42 -19.62
CA SER A 271 -11.69 4.36 -20.93
C SER A 271 -10.23 3.92 -20.94
N TRP A 272 -9.74 3.38 -19.82
CA TRP A 272 -8.34 2.95 -19.74
C TRP A 272 -7.98 1.77 -20.68
N THR A 273 -6.78 1.84 -21.25
CA THR A 273 -6.30 0.83 -22.19
C THR A 273 -5.09 0.07 -21.68
N VAL A 274 -5.14 -1.25 -21.69
CA VAL A 274 -4.00 -2.04 -21.26
C VAL A 274 -2.84 -1.88 -22.24
N ALA A 275 -1.63 -1.66 -21.69
CA ALA A 275 -0.42 -1.50 -22.46
C ALA A 275 0.75 -2.19 -21.76
N ARG A 276 1.87 -2.28 -22.46
CA ARG A 276 3.06 -2.91 -21.93
C ARG A 276 4.26 -1.98 -22.08
N HIS A 277 5.13 -2.01 -21.09
CA HIS A 277 6.31 -1.14 -21.03
C HIS A 277 7.54 -1.99 -20.75
N SER A 278 8.67 -1.60 -21.34
CA SER A 278 9.92 -2.34 -21.14
C SER A 278 10.79 -1.76 -20.02
N ARG A 279 10.39 -0.61 -19.46
CA ARG A 279 11.13 0.04 -18.37
C ARG A 279 10.18 0.56 -17.30
N THR A 280 10.66 0.70 -16.06
CA THR A 280 9.84 1.22 -14.96
C THR A 280 9.87 2.75 -14.91
N ALA A 281 10.92 3.33 -15.48
CA ALA A 281 11.09 4.77 -15.46
C ALA A 281 11.18 5.41 -16.83
N MET A 282 10.40 6.47 -17.03
CA MET A 282 10.54 7.26 -18.25
C MET A 282 11.87 8.04 -18.14
N TRP A 283 12.19 8.45 -16.92
CA TRP A 283 13.46 9.11 -16.62
C TRP A 283 13.78 8.94 -15.13
N GLY A 284 15.05 9.07 -14.79
CA GLY A 284 15.50 8.98 -13.41
C GLY A 284 15.43 7.60 -12.75
N HIS A 285 15.24 7.61 -11.44
CA HIS A 285 15.17 6.39 -10.63
C HIS A 285 16.42 5.55 -10.64
N LYS A 286 17.56 6.16 -10.89
CA LYS A 286 18.80 5.43 -10.82
C LYS A 286 18.94 4.78 -9.42
N SER A 287 19.36 3.52 -9.35
CA SER A 287 19.54 2.86 -8.04
C SER A 287 20.75 3.40 -7.33
N VAL A 288 20.61 3.64 -6.03
CA VAL A 288 21.67 4.17 -5.19
C VAL A 288 22.05 3.14 -4.12
#